data_2VSC
#
_entry.id   2VSC
#
_cell.length_a   201.137
_cell.length_b   47.502
_cell.length_c   56.811
_cell.angle_alpha   90.00
_cell.angle_beta   99.31
_cell.angle_gamma   90.00
#
_symmetry.space_group_name_H-M   'C 1 2 1'
#
loop_
_entity.id
_entity.type
_entity.pdbx_description
1 polymer 'LEUKOCYTE SURFACE ANTIGEN CD47'
2 non-polymer 2-acetamido-2-deoxy-beta-D-glucopyranose
3 non-polymer 'MAGNESIUM ION'
4 water water
#
_entity_poly.entity_id   1
_entity_poly.type   'polypeptide(L)'
_entity_poly.pdbx_seq_one_letter_code
;(PCA)LLFNKTKSVEFTFGNDTVVIPCFVTNMEAQNTTEVYVKWKFKGRDIYTFDGALNKSTVPTDFSSAKIEVSQLLKG
DASLKMDKSDAVSHTGNYTCEVTELTREGETIIELKYRVVSWSTRHHHHHH
;
_entity_poly.pdbx_strand_id   A,B,C,D
#
# COMPACT_ATOMS: atom_id res chain seq x y z
N LEU A 2 -5.60 23.16 1.34
CA LEU A 2 -5.50 24.60 1.38
C LEU A 2 -6.17 25.18 2.65
N LEU A 3 -5.51 26.16 3.24
CA LEU A 3 -5.95 26.75 4.49
C LEU A 3 -6.41 28.17 4.25
N PHE A 4 -7.35 28.63 5.06
CA PHE A 4 -7.92 29.97 4.89
C PHE A 4 -7.80 30.84 6.14
N ASN A 5 -7.61 32.13 5.89
CA ASN A 5 -7.83 33.22 6.86
C ASN A 5 -9.32 33.55 6.85
N LYS A 6 -10.04 32.98 7.82
CA LYS A 6 -11.48 32.91 7.74
C LYS A 6 -12.18 34.11 8.36
N THR A 7 -13.38 34.36 7.85
CA THR A 7 -14.27 35.41 8.29
C THR A 7 -15.69 34.84 8.28
N LYS A 8 -16.35 34.83 9.44
CA LYS A 8 -17.67 34.20 9.56
C LYS A 8 -18.71 34.90 8.68
N SER A 9 -18.65 36.22 8.66
CA SER A 9 -19.62 37.02 7.90
C SER A 9 -19.11 38.44 7.67
N VAL A 10 -19.69 39.06 6.65
CA VAL A 10 -19.37 40.43 6.27
C VAL A 10 -20.69 41.15 6.05
N GLU A 11 -20.72 42.43 6.42
CA GLU A 11 -21.93 43.22 6.43
C GLU A 11 -21.84 44.25 5.32
N PHE A 12 -22.99 44.59 4.72
CA PHE A 12 -23.08 45.79 3.87
C PHE A 12 -24.40 46.49 4.11
N THR A 13 -24.40 47.80 3.84
CA THR A 13 -25.58 48.64 4.04
C THR A 13 -25.99 49.23 2.71
N PHE A 14 -26.94 50.16 2.71
CA PHE A 14 -27.36 50.83 1.46
C PHE A 14 -26.24 51.64 0.81
N GLY A 15 -25.26 52.05 1.62
CA GLY A 15 -24.15 52.87 1.16
C GLY A 15 -23.13 52.15 0.28
N ASN A 16 -23.06 50.83 0.40
CA ASN A 16 -22.15 50.04 -0.43
C ASN A 16 -22.64 49.99 -1.87
N ASP A 17 -21.88 50.62 -2.78
CA ASP A 17 -22.19 50.56 -4.21
C ASP A 17 -21.72 49.23 -4.77
N THR A 18 -20.65 48.71 -4.19
CA THR A 18 -20.20 47.37 -4.51
C THR A 18 -19.93 46.62 -3.21
N VAL A 19 -19.84 45.30 -3.35
CA VAL A 19 -19.77 44.39 -2.24
C VAL A 19 -18.53 43.50 -2.46
N VAL A 20 -17.81 43.21 -1.37
CA VAL A 20 -16.65 42.33 -1.39
C VAL A 20 -16.87 41.19 -0.38
N ILE A 21 -16.74 39.94 -0.85
CA ILE A 21 -16.83 38.76 0.01
C ILE A 21 -15.42 38.16 0.08
N PRO A 22 -14.79 38.19 1.28
CA PRO A 22 -13.38 37.87 1.40
C PRO A 22 -13.09 36.39 1.24
N CYS A 23 -11.98 36.11 0.61
CA CYS A 23 -11.48 34.76 0.56
C CYS A 23 -9.98 34.82 0.39
N PHE A 24 -9.28 34.26 1.38
CA PHE A 24 -7.84 34.36 1.49
C PHE A 24 -7.29 33.02 1.89
N VAL A 25 -6.57 32.42 0.94
CA VAL A 25 -5.79 31.20 1.15
C VAL A 25 -4.46 31.66 1.73
N THR A 26 -4.10 31.06 2.86
CA THR A 26 -2.87 31.40 3.59
C THR A 26 -1.66 30.55 3.20
N ASN A 27 -1.86 29.45 2.46
CA ASN A 27 -0.78 28.53 2.09
C ASN A 27 -0.74 28.17 0.60
N MET A 28 -0.95 29.15 -0.27
CA MET A 28 -0.82 28.95 -1.72
C MET A 28 0.61 28.59 -2.08
N GLU A 29 0.75 27.81 -3.15
CA GLU A 29 2.04 27.46 -3.71
C GLU A 29 2.17 27.82 -5.18
N ALA A 30 1.06 27.93 -5.89
CA ALA A 30 1.10 28.05 -7.35
C ALA A 30 1.83 29.32 -7.76
N GLN A 31 2.72 29.17 -8.74
CA GLN A 31 3.48 30.31 -9.27
C GLN A 31 2.86 30.87 -10.55
N ASN A 32 1.79 30.24 -11.00
CA ASN A 32 1.09 30.64 -12.21
C ASN A 32 -0.38 30.33 -12.05
N THR A 33 -1.23 31.29 -12.41
CA THR A 33 -2.68 31.12 -12.30
C THR A 33 -3.22 30.03 -13.25
N THR A 34 -2.43 29.64 -14.25
CA THR A 34 -2.77 28.49 -15.09
C THR A 34 -3.06 27.22 -14.27
N GLU A 35 -2.50 27.14 -13.06
CA GLU A 35 -2.67 26.00 -12.15
C GLU A 35 -3.82 26.16 -11.14
N VAL A 36 -4.54 27.28 -11.18
CA VAL A 36 -5.50 27.59 -10.13
C VAL A 36 -6.92 27.53 -10.69
N TYR A 37 -7.85 27.03 -9.88
CA TYR A 37 -9.27 27.04 -10.17
C TYR A 37 -10.03 27.64 -8.98
N VAL A 38 -10.96 28.55 -9.26
CA VAL A 38 -11.77 29.21 -8.22
C VAL A 38 -13.25 29.03 -8.54
N LYS A 39 -14.01 28.60 -7.55
CA LYS A 39 -15.47 28.45 -7.65
C LYS A 39 -16.11 29.08 -6.42
N TRP A 40 -17.02 30.02 -6.66
CA TRP A 40 -17.86 30.57 -5.63
C TRP A 40 -19.27 30.01 -5.78
N LYS A 41 -19.79 29.47 -4.69
CA LYS A 41 -21.09 28.86 -4.66
C LYS A 41 -22.00 29.65 -3.72
N PHE A 42 -23.29 29.64 -4.08
CA PHE A 42 -24.37 30.26 -3.30
C PHE A 42 -25.64 29.42 -3.49
N LYS A 43 -26.17 28.89 -2.39
CA LYS A 43 -27.36 28.02 -2.40
C LYS A 43 -27.27 26.84 -3.38
N GLY A 44 -26.14 26.14 -3.32
CA GLY A 44 -25.94 24.93 -4.10
C GLY A 44 -25.69 25.09 -5.60
N ARG A 45 -25.34 26.30 -6.05
CA ARG A 45 -24.95 26.51 -7.45
CA ARG A 45 -24.96 26.51 -7.45
C ARG A 45 -23.73 27.41 -7.58
N ASP A 46 -23.01 27.24 -8.69
CA ASP A 46 -21.76 27.93 -8.97
C ASP A 46 -22.06 29.31 -9.54
N ILE A 47 -21.85 30.35 -8.73
CA ILE A 47 -22.23 31.70 -9.13
C ILE A 47 -21.03 32.50 -9.68
N TYR A 48 -19.84 31.92 -9.58
CA TYR A 48 -18.65 32.42 -10.26
C TYR A 48 -17.63 31.31 -10.31
N THR A 49 -17.01 31.12 -11.48
CA THR A 49 -15.86 30.23 -11.59
C THR A 49 -14.76 30.93 -12.40
N PHE A 50 -13.50 30.71 -12.01
CA PHE A 50 -12.36 31.10 -12.84
C PHE A 50 -11.56 29.84 -13.16
N ASP A 51 -11.44 29.53 -14.44
CA ASP A 51 -10.63 28.41 -14.91
C ASP A 51 -9.27 28.96 -15.35
N GLY A 52 -8.28 28.88 -14.47
CA GLY A 52 -6.98 29.49 -14.72
C GLY A 52 -6.27 28.96 -15.95
N ALA A 53 -6.47 27.68 -16.23
CA ALA A 53 -5.89 27.05 -17.40
C ALA A 53 -6.39 27.72 -18.68
N LEU A 54 -7.67 28.09 -18.71
CA LEU A 54 -8.27 28.77 -19.86
C LEU A 54 -8.20 30.30 -19.78
N ASN A 55 -7.90 30.83 -18.59
CA ASN A 55 -7.88 32.28 -18.36
C ASN A 55 -9.25 32.86 -18.67
N LYS A 56 -10.30 32.18 -18.17
CA LYS A 56 -11.69 32.53 -18.47
C LYS A 56 -12.57 32.42 -17.25
N SER A 57 -13.57 33.29 -17.18
CA SER A 57 -14.49 33.31 -16.06
C SER A 57 -15.91 33.14 -16.56
N THR A 58 -16.71 32.41 -15.79
CA THR A 58 -18.12 32.15 -16.12
C THR A 58 -19.04 32.57 -14.97
N VAL A 59 -20.10 33.30 -15.30
CA VAL A 59 -21.08 33.74 -14.31
C VAL A 59 -22.49 33.54 -14.83
N PRO A 60 -23.42 33.14 -13.94
CA PRO A 60 -24.81 33.11 -14.33
C PRO A 60 -25.33 34.55 -14.45
N THR A 61 -26.39 34.70 -15.23
CA THR A 61 -26.92 36.04 -15.54
C THR A 61 -27.46 36.76 -14.30
N ASP A 62 -27.86 36.01 -13.28
CA ASP A 62 -28.27 36.61 -12.01
C ASP A 62 -27.10 37.06 -11.12
N PHE A 63 -25.87 36.75 -11.53
CA PHE A 63 -24.67 37.33 -10.92
C PHE A 63 -23.75 37.97 -11.98
N SER A 64 -24.33 38.77 -12.88
CA SER A 64 -23.59 39.25 -14.07
C SER A 64 -22.35 40.07 -13.73
N SER A 65 -22.40 40.80 -12.61
CA SER A 65 -21.30 41.68 -12.18
C SER A 65 -20.22 40.93 -11.39
N ALA A 66 -20.50 39.69 -10.98
CA ALA A 66 -19.58 38.94 -10.13
C ALA A 66 -18.20 38.75 -10.75
N LYS A 67 -17.15 39.04 -9.98
CA LYS A 67 -15.79 38.82 -10.46
C LYS A 67 -14.75 38.76 -9.33
N ILE A 68 -13.57 38.24 -9.68
CA ILE A 68 -12.39 38.26 -8.82
C ILE A 68 -11.30 39.05 -9.54
N GLU A 69 -10.33 39.58 -8.80
CA GLU A 69 -9.14 40.19 -9.41
C GLU A 69 -8.10 39.09 -9.60
N VAL A 70 -7.90 38.66 -10.84
CA VAL A 70 -6.97 37.56 -11.13
C VAL A 70 -5.55 37.94 -10.74
N SER A 71 -5.23 39.22 -10.79
CA SER A 71 -3.90 39.73 -10.37
C SER A 71 -3.53 39.47 -8.90
N GLN A 72 -4.52 39.07 -8.09
CA GLN A 72 -4.33 38.89 -6.65
C GLN A 72 -4.37 37.43 -6.24
N LEU A 73 -4.63 36.55 -7.22
CA LEU A 73 -4.98 35.18 -6.93
C LEU A 73 -3.79 34.37 -6.39
N LEU A 74 -2.61 34.61 -6.93
CA LEU A 74 -1.40 33.91 -6.44
C LEU A 74 -0.99 34.31 -5.02
N LYS A 75 -1.44 35.48 -4.56
CA LYS A 75 -1.32 35.85 -3.13
C LYS A 75 -2.29 35.06 -2.26
N GLY A 76 -3.19 34.29 -2.90
CA GLY A 76 -4.26 33.58 -2.20
C GLY A 76 -5.54 34.36 -2.00
N ASP A 77 -5.61 35.57 -2.56
CA ASP A 77 -6.82 36.39 -2.49
C ASP A 77 -7.75 36.00 -3.63
N ALA A 78 -8.81 35.26 -3.28
CA ALA A 78 -9.85 34.85 -4.23
C ALA A 78 -11.18 35.57 -3.91
N SER A 79 -11.09 36.75 -3.31
CA SER A 79 -12.25 37.55 -2.91
C SER A 79 -13.19 37.87 -4.07
N LEU A 80 -14.50 37.78 -3.80
CA LEU A 80 -15.54 38.00 -4.80
C LEU A 80 -16.07 39.42 -4.67
N LYS A 81 -16.19 40.08 -5.82
CA LYS A 81 -16.71 41.42 -5.90
C LYS A 81 -17.96 41.40 -6.76
N MET A 82 -19.02 42.08 -6.30
CA MET A 82 -20.20 42.27 -7.12
C MET A 82 -20.84 43.63 -6.85
N ASP A 83 -21.71 44.04 -7.76
CA ASP A 83 -22.56 45.23 -7.60
C ASP A 83 -23.58 44.99 -6.49
N LYS A 84 -24.03 46.08 -5.88
CA LYS A 84 -25.02 46.00 -4.78
C LYS A 84 -26.32 45.35 -5.23
N SER A 85 -26.73 45.59 -6.47
CA SER A 85 -27.94 44.99 -7.02
C SER A 85 -27.84 43.46 -7.07
N ASP A 86 -26.67 42.91 -7.36
CA ASP A 86 -26.46 41.46 -7.33
C ASP A 86 -26.34 40.95 -5.90
N ALA A 87 -25.82 41.78 -4.99
CA ALA A 87 -25.67 41.42 -3.57
C ALA A 87 -26.98 41.37 -2.81
N VAL A 88 -27.79 42.42 -2.93
CA VAL A 88 -29.01 42.57 -2.13
C VAL A 88 -30.05 41.46 -2.37
N SER A 89 -30.07 40.90 -3.57
CA SER A 89 -30.97 39.81 -3.89
C SER A 89 -30.39 38.45 -3.47
N HIS A 90 -29.12 38.41 -3.05
CA HIS A 90 -28.41 37.17 -2.75
C HIS A 90 -27.64 37.25 -1.42
N THR A 91 -28.35 37.49 -0.34
CA THR A 91 -27.73 37.43 0.99
C THR A 91 -27.79 35.98 1.48
N GLY A 92 -26.84 35.63 2.35
CA GLY A 92 -26.74 34.27 2.88
C GLY A 92 -25.33 33.72 2.74
N ASN A 93 -25.21 32.40 2.82
CA ASN A 93 -23.92 31.74 2.85
C ASN A 93 -23.27 31.50 1.49
N TYR A 94 -22.10 32.10 1.29
CA TYR A 94 -21.26 31.87 0.13
C TYR A 94 -20.13 30.89 0.46
N THR A 95 -19.80 30.02 -0.48
CA THR A 95 -18.67 29.13 -0.34
C THR A 95 -17.64 29.50 -1.39
N CYS A 96 -16.40 29.72 -0.93
CA CYS A 96 -15.25 29.97 -1.80
C CYS A 96 -14.43 28.69 -1.83
N GLU A 97 -14.23 28.15 -3.03
CA GLU A 97 -13.46 26.94 -3.25
C GLU A 97 -12.30 27.30 -4.15
N VAL A 98 -11.08 26.96 -3.70
CA VAL A 98 -9.85 27.18 -4.47
C VAL A 98 -9.14 25.85 -4.66
N THR A 99 -8.63 25.62 -5.87
CA THR A 99 -7.88 24.39 -6.18
C THR A 99 -6.59 24.76 -6.90
N GLU A 100 -5.50 24.10 -6.49
CA GLU A 100 -4.25 24.15 -7.20
C GLU A 100 -4.09 22.78 -7.86
N LEU A 101 -4.09 22.78 -9.18
CA LEU A 101 -4.11 21.53 -9.96
C LEU A 101 -2.84 20.73 -9.74
N THR A 102 -3.00 19.41 -9.83
CA THR A 102 -1.88 18.49 -9.91
C THR A 102 -0.94 18.91 -11.03
N ARG A 103 0.33 18.58 -10.82
CA ARG A 103 1.39 18.85 -11.77
C ARG A 103 2.22 17.57 -11.83
N GLU A 104 2.53 17.11 -13.03
CA GLU A 104 3.40 15.93 -13.20
C GLU A 104 4.42 16.18 -14.33
N GLY A 105 5.42 15.31 -14.38
CA GLY A 105 6.35 15.30 -15.49
C GLY A 105 7.25 14.09 -15.37
N GLU A 106 7.84 13.72 -16.49
CA GLU A 106 8.76 12.59 -16.50
C GLU A 106 9.96 12.88 -17.38
N THR A 107 11.05 12.15 -17.14
CA THR A 107 12.25 12.27 -17.96
C THR A 107 12.98 10.94 -18.01
N ILE A 108 13.72 10.74 -19.10
CA ILE A 108 14.40 9.49 -19.34
C ILE A 108 15.92 9.68 -19.30
N ILE A 109 16.59 8.79 -18.60
CA ILE A 109 18.05 8.75 -18.53
C ILE A 109 18.48 7.33 -18.82
N GLU A 110 19.42 7.15 -19.74
CA GLU A 110 20.01 5.85 -19.95
C GLU A 110 21.21 5.70 -19.00
N LEU A 111 21.17 4.63 -18.23
CA LEU A 111 22.32 4.14 -17.48
C LEU A 111 23.12 3.19 -18.37
N LYS A 112 24.30 3.63 -18.78
CA LYS A 112 25.15 2.86 -19.66
C LYS A 112 26.33 2.35 -18.89
N TYR A 113 26.80 1.18 -19.27
CA TYR A 113 27.98 0.58 -18.68
C TYR A 113 29.12 0.61 -19.68
N ARG A 114 30.32 1.01 -19.25
CA ARG A 114 31.50 0.99 -20.14
C ARG A 114 32.56 0.03 -19.62
N VAL A 115 33.02 -0.86 -20.49
CA VAL A 115 33.94 -1.94 -20.11
C VAL A 115 35.31 -1.43 -19.63
N LEU B 2 5.56 19.87 -14.78
CA LEU B 2 6.89 19.90 -14.19
C LEU B 2 7.94 19.78 -15.28
N LEU B 3 8.99 20.59 -15.14
CA LEU B 3 10.03 20.69 -16.14
C LEU B 3 11.35 20.15 -15.59
N PHE B 4 12.14 19.52 -16.45
CA PHE B 4 13.37 18.88 -16.01
C PHE B 4 14.62 19.45 -16.69
N ASN B 5 15.67 19.56 -15.89
CA ASN B 5 17.03 19.63 -16.36
C ASN B 5 17.43 18.23 -16.85
N LYS B 6 17.30 17.96 -18.14
CA LYS B 6 17.45 16.61 -18.71
C LYS B 6 18.92 16.18 -18.91
N THR B 7 19.15 14.87 -18.84
CA THR B 7 20.41 14.26 -19.23
C THR B 7 20.11 13.04 -20.06
N LYS B 8 20.76 12.93 -21.22
CA LYS B 8 20.48 11.83 -22.14
C LYS B 8 20.82 10.51 -21.47
N SER B 9 21.99 10.48 -20.84
CA SER B 9 22.53 9.28 -20.23
C SER B 9 23.72 9.59 -19.32
N VAL B 10 24.01 8.61 -18.45
CA VAL B 10 25.18 8.63 -17.60
C VAL B 10 25.81 7.23 -17.67
N GLU B 11 27.07 7.16 -17.26
CA GLU B 11 27.90 6.00 -17.51
C GLU B 11 28.60 5.61 -16.24
N PHE B 12 28.75 4.31 -16.04
CA PHE B 12 29.57 3.78 -14.95
C PHE B 12 30.46 2.64 -15.44
N THR B 13 31.50 2.34 -14.66
CA THR B 13 32.44 1.26 -14.98
C THR B 13 32.54 0.36 -13.75
N PHE B 14 33.36 -0.69 -13.85
CA PHE B 14 33.56 -1.61 -12.73
C PHE B 14 34.07 -0.90 -11.46
N GLY B 15 34.71 0.25 -11.62
CA GLY B 15 35.14 1.04 -10.46
C GLY B 15 34.04 1.69 -9.62
N ASN B 16 32.85 1.88 -10.18
CA ASN B 16 31.73 2.45 -9.42
C ASN B 16 31.18 1.45 -8.38
N ASP B 17 31.35 1.77 -7.10
CA ASP B 17 30.77 0.95 -6.02
C ASP B 17 29.27 1.25 -5.93
N THR B 18 28.90 2.45 -6.35
CA THR B 18 27.53 2.89 -6.38
C THR B 18 27.32 3.81 -7.57
N VAL B 19 26.08 3.97 -7.98
CA VAL B 19 25.79 4.87 -9.08
C VAL B 19 24.66 5.82 -8.70
N VAL B 20 24.64 6.96 -9.39
CA VAL B 20 23.58 7.93 -9.28
C VAL B 20 23.00 8.16 -10.67
N ILE B 21 21.67 8.14 -10.76
CA ILE B 21 20.93 8.49 -11.96
C ILE B 21 20.25 9.84 -11.72
N PRO B 22 20.70 10.90 -12.43
CA PRO B 22 20.22 12.23 -12.11
C PRO B 22 18.76 12.42 -12.50
N CYS B 23 18.05 13.19 -11.71
CA CYS B 23 16.73 13.64 -12.06
C CYS B 23 16.45 14.91 -11.29
N PHE B 24 16.26 16.01 -12.01
CA PHE B 24 16.11 17.32 -11.42
C PHE B 24 14.92 18.06 -12.02
N VAL B 25 13.93 18.33 -11.19
CA VAL B 25 12.80 19.16 -11.55
C VAL B 25 13.20 20.59 -11.25
N THR B 26 13.08 21.45 -12.25
CA THR B 26 13.51 22.85 -12.13
C THR B 26 12.39 23.80 -11.71
N ASN B 27 11.16 23.30 -11.58
CA ASN B 27 10.05 24.17 -11.23
C ASN B 27 9.17 23.64 -10.11
N MET B 28 9.79 23.02 -9.10
CA MET B 28 9.07 22.51 -7.91
C MET B 28 8.40 23.63 -7.16
N GLU B 29 7.25 23.32 -6.56
CA GLU B 29 6.53 24.31 -5.75
C GLU B 29 6.20 23.80 -4.36
N ALA B 30 6.20 22.47 -4.20
CA ALA B 30 5.80 21.83 -2.94
C ALA B 30 6.62 22.38 -1.76
N GLN B 31 5.94 22.77 -0.68
CA GLN B 31 6.60 23.25 0.54
C GLN B 31 6.88 22.14 1.56
N ASN B 32 6.25 20.98 1.36
CA ASN B 32 6.36 19.81 2.24
C ASN B 32 6.25 18.59 1.32
N THR B 33 6.82 17.47 1.73
CA THR B 33 6.83 16.25 0.89
C THR B 33 5.46 15.57 0.82
N THR B 34 4.51 16.04 1.61
CA THR B 34 3.20 15.41 1.71
C THR B 34 2.48 15.25 0.37
N GLU B 35 2.63 16.20 -0.55
CA GLU B 35 1.95 16.05 -1.84
C GLU B 35 2.92 15.76 -2.99
N VAL B 36 4.08 15.19 -2.67
CA VAL B 36 5.03 14.83 -3.70
C VAL B 36 4.98 13.33 -3.85
N TYR B 37 4.97 12.88 -5.09
CA TYR B 37 5.11 11.45 -5.39
C TYR B 37 6.24 11.27 -6.39
N VAL B 38 7.10 10.29 -6.16
CA VAL B 38 8.17 9.97 -7.11
C VAL B 38 8.07 8.51 -7.50
N LYS B 39 8.24 8.26 -8.78
CA LYS B 39 8.23 6.92 -9.34
C LYS B 39 9.43 6.81 -10.28
N TRP B 40 10.32 5.86 -10.02
CA TRP B 40 11.32 5.48 -11.00
C TRP B 40 10.93 4.17 -11.69
N LYS B 41 11.02 4.16 -13.02
CA LYS B 41 10.69 2.97 -13.78
C LYS B 41 11.89 2.46 -14.59
N PHE B 42 11.93 1.15 -14.77
CA PHE B 42 12.96 0.48 -15.57
C PHE B 42 12.30 -0.68 -16.27
N LYS B 43 12.43 -0.71 -17.60
CA LYS B 43 11.72 -1.64 -18.47
C LYS B 43 10.25 -1.77 -18.09
N GLY B 44 9.62 -0.62 -17.87
CA GLY B 44 8.18 -0.55 -17.64
C GLY B 44 7.65 -1.11 -16.34
N ARG B 45 8.51 -1.28 -15.34
CA ARG B 45 8.02 -1.53 -13.98
C ARG B 45 8.58 -0.50 -13.02
N ASP B 46 7.83 -0.27 -11.93
CA ASP B 46 8.26 0.63 -10.90
C ASP B 46 9.37 -0.03 -10.10
N ILE B 47 10.55 0.55 -10.08
CA ILE B 47 11.65 0.01 -9.26
C ILE B 47 11.88 0.84 -7.98
N TYR B 48 11.22 1.98 -7.88
CA TYR B 48 11.25 2.80 -6.67
C TYR B 48 10.04 3.71 -6.64
N THR B 49 9.38 3.80 -5.49
CA THR B 49 8.33 4.79 -5.29
C THR B 49 8.52 5.44 -3.93
N PHE B 50 8.36 6.76 -3.89
CA PHE B 50 8.20 7.51 -2.65
C PHE B 50 6.79 8.10 -2.66
N ASP B 51 6.01 7.71 -1.65
CA ASP B 51 4.68 8.22 -1.45
C ASP B 51 4.72 9.25 -0.32
N GLY B 52 4.72 10.52 -0.70
CA GLY B 52 4.79 11.61 0.24
C GLY B 52 3.65 11.67 1.22
N ALA B 53 2.48 11.18 0.82
CA ALA B 53 1.35 11.10 1.74
C ALA B 53 1.72 10.22 2.95
N LEU B 54 2.40 9.12 2.67
CA LEU B 54 2.82 8.16 3.73
C LEU B 54 4.23 8.41 4.28
N ASN B 55 5.00 9.25 3.60
CA ASN B 55 6.44 9.43 3.89
C ASN B 55 7.13 8.06 3.91
N LYS B 56 6.80 7.24 2.89
CA LYS B 56 7.37 5.89 2.76
C LYS B 56 7.81 5.56 1.36
N SER B 57 8.83 4.70 1.28
CA SER B 57 9.41 4.27 0.03
C SER B 57 9.27 2.77 -0.12
N THR B 58 8.97 2.34 -1.33
CA THR B 58 8.70 0.94 -1.64
C THR B 58 9.66 0.56 -2.77
N VAL B 59 10.39 -0.54 -2.58
CA VAL B 59 11.28 -1.07 -3.61
C VAL B 59 11.13 -2.57 -3.80
N PRO B 60 11.26 -3.07 -5.04
CA PRO B 60 11.24 -4.50 -5.23
C PRO B 60 12.59 -5.11 -4.85
N THR B 61 12.55 -6.40 -4.55
CA THR B 61 13.71 -7.11 -4.04
C THR B 61 14.83 -7.15 -5.06
N ASP B 62 14.51 -7.13 -6.35
CA ASP B 62 15.56 -7.12 -7.36
C ASP B 62 16.23 -5.76 -7.50
N PHE B 63 15.63 -4.72 -6.92
CA PHE B 63 16.29 -3.41 -6.83
C PHE B 63 16.40 -2.96 -5.39
N SER B 64 16.83 -3.86 -4.51
CA SER B 64 16.78 -3.64 -3.06
C SER B 64 17.59 -2.41 -2.54
N SER B 65 18.63 -1.98 -3.26
CA SER B 65 19.44 -0.83 -2.83
C SER B 65 18.93 0.55 -3.32
N ALA B 66 17.96 0.55 -4.24
CA ALA B 66 17.41 1.78 -4.79
C ALA B 66 16.84 2.71 -3.70
N LYS B 67 17.29 3.97 -3.74
CA LYS B 67 16.88 4.97 -2.79
C LYS B 67 16.99 6.37 -3.40
N ILE B 68 16.17 7.29 -2.90
CA ILE B 68 16.35 8.71 -3.17
C ILE B 68 16.64 9.39 -1.81
N GLU B 69 17.22 10.57 -1.85
CA GLU B 69 17.44 11.36 -0.65
C GLU B 69 16.23 12.26 -0.48
N VAL B 70 15.29 11.84 0.35
CA VAL B 70 14.04 12.62 0.52
C VAL B 70 14.29 14.06 0.99
N SER B 71 15.37 14.29 1.73
CA SER B 71 15.78 15.64 2.15
C SER B 71 16.10 16.59 0.98
N GLN B 72 16.16 16.07 -0.25
CA GLN B 72 16.48 16.89 -1.41
C GLN B 72 15.30 17.08 -2.37
N LEU B 73 14.19 16.40 -2.10
CA LEU B 73 13.09 16.41 -3.06
C LEU B 73 12.51 17.79 -3.30
N LEU B 74 12.37 18.57 -2.23
CA LEU B 74 11.76 19.89 -2.35
C LEU B 74 12.62 20.85 -3.19
N LYS B 75 13.91 20.56 -3.32
CA LYS B 75 14.80 21.27 -4.25
C LYS B 75 14.61 20.75 -5.68
N GLY B 76 13.84 19.68 -5.86
CA GLY B 76 13.55 19.12 -7.18
C GLY B 76 14.53 18.02 -7.58
N ASP B 77 15.38 17.62 -6.64
CA ASP B 77 16.32 16.54 -6.85
C ASP B 77 15.62 15.25 -6.49
N ALA B 78 15.39 14.42 -7.50
CA ALA B 78 14.74 13.12 -7.33
C ALA B 78 15.71 12.00 -7.71
N SER B 79 17.02 12.30 -7.68
CA SER B 79 18.06 11.40 -8.21
C SER B 79 18.07 10.04 -7.50
N LEU B 80 18.23 8.99 -8.32
CA LEU B 80 18.17 7.61 -7.86
C LEU B 80 19.57 7.14 -7.56
N LYS B 81 19.74 6.57 -6.37
CA LYS B 81 20.99 5.94 -5.97
C LYS B 81 20.82 4.45 -5.83
N MET B 82 21.86 3.70 -6.21
CA MET B 82 21.87 2.25 -5.99
C MET B 82 23.28 1.70 -6.00
N ASP B 83 23.40 0.48 -5.52
CA ASP B 83 24.69 -0.20 -5.48
C ASP B 83 25.02 -0.77 -6.86
N LYS B 84 26.31 -1.05 -7.08
CA LYS B 84 26.78 -1.57 -8.36
C LYS B 84 26.11 -2.87 -8.81
N SER B 85 25.77 -3.74 -7.87
CA SER B 85 25.11 -5.01 -8.21
C SER B 85 23.81 -4.70 -8.96
N ASP B 86 23.01 -3.81 -8.40
CA ASP B 86 21.74 -3.43 -9.03
C ASP B 86 21.94 -2.67 -10.33
N ALA B 87 22.97 -1.83 -10.38
CA ALA B 87 23.28 -1.06 -11.59
C ALA B 87 23.70 -1.98 -12.72
N VAL B 88 24.67 -2.85 -12.45
CA VAL B 88 25.17 -3.80 -13.44
C VAL B 88 24.06 -4.67 -14.03
N SER B 89 23.18 -5.14 -13.16
CA SER B 89 22.09 -6.02 -13.57
C SER B 89 20.89 -5.29 -14.17
N HIS B 90 20.92 -3.95 -14.13
CA HIS B 90 19.84 -3.14 -14.71
C HIS B 90 20.40 -1.92 -15.46
N THR B 91 21.23 -2.18 -16.47
CA THR B 91 21.69 -1.12 -17.37
C THR B 91 20.60 -0.94 -18.42
N GLY B 92 20.45 0.29 -18.90
CA GLY B 92 19.40 0.61 -19.85
C GLY B 92 18.67 1.90 -19.46
N ASN B 93 17.43 2.01 -19.91
CA ASN B 93 16.69 3.26 -19.88
C ASN B 93 15.78 3.37 -18.67
N TYR B 94 16.03 4.40 -17.86
CA TYR B 94 15.28 4.67 -16.63
C TYR B 94 14.35 5.85 -16.84
N THR B 95 13.16 5.79 -16.22
CA THR B 95 12.22 6.91 -16.26
C THR B 95 12.04 7.42 -14.84
N CYS B 96 12.21 8.73 -14.66
CA CYS B 96 11.98 9.40 -13.41
C CYS B 96 10.70 10.23 -13.55
N GLU B 97 9.68 9.90 -12.77
CA GLU B 97 8.38 10.58 -12.82
C GLU B 97 8.11 11.25 -11.48
N VAL B 98 7.80 12.54 -11.53
CA VAL B 98 7.54 13.32 -10.32
C VAL B 98 6.17 13.95 -10.44
N THR B 99 5.41 13.93 -9.34
CA THR B 99 4.07 14.48 -9.32
C THR B 99 3.94 15.36 -8.09
N GLU B 100 3.37 16.53 -8.26
CA GLU B 100 2.90 17.29 -7.11
C GLU B 100 1.38 17.26 -7.15
N LEU B 101 0.77 16.69 -6.12
CA LEU B 101 -0.64 16.36 -6.19
C LEU B 101 -1.53 17.59 -6.02
N THR B 102 -2.79 17.43 -6.41
CA THR B 102 -3.77 18.49 -6.27
C THR B 102 -3.95 18.90 -4.82
N ARG B 103 -4.19 20.18 -4.60
CA ARG B 103 -4.58 20.66 -3.29
C ARG B 103 -5.84 21.48 -3.44
N GLU B 104 -6.73 21.36 -2.45
CA GLU B 104 -7.97 22.12 -2.46
C GLU B 104 -8.41 22.49 -1.05
N GLY B 105 -9.37 23.40 -1.01
CA GLY B 105 -9.94 23.85 0.22
C GLY B 105 -11.14 24.73 -0.05
N GLU B 106 -11.99 24.88 0.95
CA GLU B 106 -13.07 25.84 0.87
C GLU B 106 -13.35 26.50 2.22
N THR B 107 -13.98 27.66 2.13
CA THR B 107 -14.39 28.41 3.30
C THR B 107 -15.73 29.07 3.00
N ILE B 108 -16.52 29.29 4.04
CA ILE B 108 -17.85 29.82 3.96
C ILE B 108 -17.88 31.18 4.68
N ILE B 109 -18.52 32.14 4.03
CA ILE B 109 -18.71 33.47 4.55
C ILE B 109 -20.18 33.76 4.39
N GLU B 110 -20.83 34.25 5.44
CA GLU B 110 -22.18 34.77 5.29
C GLU B 110 -22.14 36.27 4.92
N LEU B 111 -22.85 36.63 3.87
CA LEU B 111 -23.03 38.03 3.44
C LEU B 111 -24.33 38.55 4.05
N LYS B 112 -24.21 39.58 4.88
CA LYS B 112 -25.34 40.11 5.63
C LYS B 112 -25.68 41.51 5.12
N TYR B 113 -26.96 41.80 4.97
CA TYR B 113 -27.41 43.15 4.64
C TYR B 113 -28.00 43.80 5.90
N ARG B 114 -27.40 44.91 6.34
CA ARG B 114 -27.91 45.66 7.48
C ARG B 114 -28.62 46.93 7.00
N VAL B 115 -29.68 47.33 7.72
CA VAL B 115 -30.49 48.49 7.33
C VAL B 115 -30.27 49.73 8.22
N LEU C 2 3.86 -19.35 15.35
CA LEU C 2 5.25 -19.21 14.96
C LEU C 2 6.04 -18.96 16.24
N LEU C 3 7.11 -19.72 16.44
CA LEU C 3 7.94 -19.66 17.65
C LEU C 3 9.29 -19.06 17.32
N PHE C 4 9.86 -18.34 18.28
CA PHE C 4 11.10 -17.64 18.08
C PHE C 4 12.20 -18.11 19.01
N ASN C 5 13.43 -18.05 18.51
CA ASN C 5 14.63 -18.17 19.34
C ASN C 5 14.84 -16.80 19.93
N LYS C 6 14.33 -16.58 21.13
CA LYS C 6 14.21 -15.22 21.66
C LYS C 6 15.54 -14.58 22.10
N THR C 7 15.62 -13.27 21.96
CA THR C 7 16.68 -12.45 22.50
C THR C 7 16.06 -11.25 23.19
N LYS C 8 16.29 -11.13 24.49
CA LYS C 8 15.79 -10.00 25.26
C LYS C 8 16.29 -8.65 24.73
N SER C 9 17.60 -8.54 24.52
CA SER C 9 18.18 -7.26 24.15
C SER C 9 19.39 -7.47 23.27
N VAL C 10 19.73 -6.43 22.49
CA VAL C 10 21.03 -6.34 21.83
C VAL C 10 21.55 -4.94 22.01
N GLU C 11 22.87 -4.82 22.01
CA GLU C 11 23.50 -3.54 22.24
C GLU C 11 24.43 -3.15 21.11
N PHE C 12 24.48 -1.85 20.83
CA PHE C 12 25.47 -1.30 19.92
C PHE C 12 26.15 -0.09 20.54
N THR C 13 27.34 0.22 20.03
CA THR C 13 28.13 1.35 20.44
C THR C 13 28.42 2.17 19.19
N PHE C 14 29.25 3.20 19.32
CA PHE C 14 29.64 4.05 18.20
C PHE C 14 30.34 3.23 17.11
N GLY C 15 30.96 2.11 17.51
CA GLY C 15 31.64 1.21 16.59
C GLY C 15 30.81 0.50 15.53
N ASN C 16 29.52 0.28 15.80
CA ASN C 16 28.64 -0.46 14.89
C ASN C 16 28.17 0.38 13.67
N ASP C 17 28.82 0.20 12.52
CA ASP C 17 28.41 0.92 11.30
C ASP C 17 27.01 0.55 10.86
N THR C 18 26.69 -0.73 11.02
CA THR C 18 25.36 -1.24 10.82
C THR C 18 24.94 -1.86 12.12
N VAL C 19 23.63 -1.86 12.34
CA VAL C 19 23.00 -2.36 13.53
C VAL C 19 22.15 -3.53 13.08
N VAL C 20 22.26 -4.67 13.78
CA VAL C 20 21.43 -5.85 13.50
C VAL C 20 20.53 -6.17 14.70
N ILE C 21 19.24 -6.30 14.44
CA ILE C 21 18.29 -6.75 15.45
C ILE C 21 17.85 -8.14 15.05
N PRO C 22 18.18 -9.15 15.88
CA PRO C 22 17.91 -10.54 15.58
C PRO C 22 16.44 -10.91 15.61
N CYS C 23 16.01 -11.74 14.67
CA CYS C 23 14.70 -12.34 14.74
C CYS C 23 14.76 -13.69 14.04
N PHE C 24 14.52 -14.76 14.80
CA PHE C 24 14.70 -16.12 14.32
C PHE C 24 13.52 -16.99 14.70
N VAL C 25 12.73 -17.35 13.70
CA VAL C 25 11.63 -18.29 13.86
C VAL C 25 12.19 -19.70 13.79
N THR C 26 11.80 -20.53 14.75
CA THR C 26 12.36 -21.86 14.89
C THR C 26 11.53 -22.96 14.23
N ASN C 27 10.30 -22.64 13.83
CA ASN C 27 9.38 -23.59 13.25
C ASN C 27 8.73 -23.11 11.95
N MET C 28 9.51 -22.49 11.07
CA MET C 28 9.02 -22.11 9.75
C MET C 28 8.60 -23.35 8.98
N GLU C 29 7.56 -23.17 8.19
CA GLU C 29 7.13 -24.18 7.25
C GLU C 29 7.29 -23.74 5.79
N ALA C 30 7.19 -22.44 5.52
CA ALA C 30 7.11 -21.93 4.15
C ALA C 30 8.27 -22.40 3.28
N GLN C 31 7.99 -22.72 2.02
CA GLN C 31 9.03 -23.14 1.09
C GLN C 31 9.22 -22.14 -0.06
N ASN C 32 8.51 -21.02 0.02
CA ASN C 32 8.48 -19.98 -1.00
C ASN C 32 8.24 -18.68 -0.25
N THR C 33 9.11 -17.67 -0.45
CA THR C 33 8.93 -16.37 0.23
C THR C 33 7.62 -15.68 -0.16
N THR C 34 7.03 -16.08 -1.29
CA THR C 34 5.68 -15.61 -1.70
C THR C 34 4.63 -15.74 -0.58
N GLU C 35 4.82 -16.73 0.29
CA GLU C 35 3.88 -17.01 1.35
C GLU C 35 4.32 -16.40 2.69
N VAL C 36 5.33 -15.52 2.69
CA VAL C 36 5.83 -14.92 3.95
C VAL C 36 5.70 -13.38 3.94
N TYR C 37 5.32 -12.85 5.10
CA TYR C 37 5.21 -11.43 5.34
C TYR C 37 5.96 -11.13 6.63
N VAL C 38 6.77 -10.09 6.59
CA VAL C 38 7.52 -9.62 7.75
C VAL C 38 7.19 -8.16 8.02
N LYS C 39 6.92 -7.86 9.29
CA LYS C 39 6.73 -6.48 9.70
C LYS C 39 7.53 -6.24 10.97
N TRP C 40 8.28 -5.13 10.95
CA TRP C 40 8.98 -4.65 12.13
C TRP C 40 8.32 -3.38 12.64
N LYS C 41 8.19 -3.28 13.95
CA LYS C 41 7.49 -2.15 14.58
C LYS C 41 8.38 -1.51 15.63
N PHE C 42 8.25 -0.21 15.74
CA PHE C 42 8.92 0.57 16.76
C PHE C 42 7.98 1.69 17.15
N LYS C 43 7.75 1.83 18.47
CA LYS C 43 6.80 2.79 19.06
C LYS C 43 5.40 2.74 18.40
N GLY C 44 4.95 1.52 18.13
CA GLY C 44 3.64 1.30 17.55
C GLY C 44 3.54 1.49 16.05
N ARG C 45 4.64 1.86 15.37
CA ARG C 45 4.58 2.09 13.91
C ARG C 45 5.38 1.11 13.10
N ASP C 46 4.89 0.85 11.89
CA ASP C 46 5.54 -0.06 10.95
C ASP C 46 6.79 0.57 10.39
N ILE C 47 7.95 0.09 10.82
CA ILE C 47 9.19 0.70 10.35
C ILE C 47 9.86 -0.09 9.22
N TYR C 48 9.35 -1.28 8.95
CA TYR C 48 9.80 -2.07 7.80
C TYR C 48 8.76 -3.16 7.52
N THR C 49 8.41 -3.32 6.25
CA THR C 49 7.64 -4.48 5.84
C THR C 49 8.25 -5.09 4.59
N PHE C 50 8.26 -6.43 4.57
CA PHE C 50 8.47 -7.20 3.35
C PHE C 50 7.20 -7.98 3.06
N ASP C 51 6.62 -7.72 1.90
CA ASP C 51 5.48 -8.45 1.39
C ASP C 51 6.01 -9.44 0.37
N GLY C 52 6.15 -10.69 0.76
CA GLY C 52 6.68 -11.74 -0.11
C GLY C 52 5.86 -11.99 -1.37
N ALA C 53 4.55 -11.82 -1.25
CA ALA C 53 3.65 -12.00 -2.37
C ALA C 53 3.95 -10.97 -3.48
N LEU C 54 4.28 -9.75 -3.07
CA LEU C 54 4.64 -8.67 -4.00
C LEU C 54 6.15 -8.56 -4.29
N ASN C 55 6.99 -9.27 -3.53
CA ASN C 55 8.44 -9.12 -3.62
C ASN C 55 8.80 -7.65 -3.49
N LYS C 56 8.28 -6.99 -2.46
CA LYS C 56 8.52 -5.57 -2.24
C LYS C 56 8.65 -5.25 -0.76
N SER C 57 9.54 -4.31 -0.47
CA SER C 57 9.77 -3.86 0.89
C SER C 57 9.45 -2.39 0.97
N THR C 58 8.92 -1.96 2.14
CA THR C 58 8.45 -0.58 2.36
C THR C 58 9.01 -0.09 3.69
N VAL C 59 9.56 1.12 3.67
CA VAL C 59 10.12 1.77 4.87
C VAL C 59 9.68 3.23 4.96
N PRO C 60 9.60 3.79 6.18
CA PRO C 60 9.35 5.22 6.30
C PRO C 60 10.67 5.93 6.15
N THR C 61 10.63 7.24 5.94
CA THR C 61 11.86 7.98 5.65
C THR C 61 12.85 7.98 6.84
N ASP C 62 12.32 7.96 8.06
CA ASP C 62 13.15 7.95 9.28
C ASP C 62 13.79 6.60 9.58
N PHE C 63 13.43 5.57 8.82
CA PHE C 63 14.12 4.29 8.83
C PHE C 63 14.52 3.91 7.40
N SER C 64 15.01 4.87 6.61
CA SER C 64 15.19 4.63 5.17
C SER C 64 16.22 3.53 4.83
N SER C 65 17.12 3.21 5.75
CA SER C 65 18.13 2.18 5.53
C SER C 65 17.68 0.78 5.95
N ALA C 66 16.56 0.69 6.66
CA ALA C 66 16.11 -0.60 7.19
C ALA C 66 15.87 -1.65 6.07
N LYS C 67 16.38 -2.85 6.32
CA LYS C 67 16.20 -3.98 5.40
C LYS C 67 16.31 -5.32 6.14
N ILE C 68 15.83 -6.36 5.48
CA ILE C 68 16.15 -7.73 5.85
C ILE C 68 16.80 -8.42 4.63
N GLU C 69 17.45 -9.54 4.88
CA GLU C 69 18.01 -10.36 3.81
C GLU C 69 16.97 -11.41 3.43
N VAL C 70 16.27 -11.17 2.33
CA VAL C 70 15.19 -12.06 1.91
C VAL C 70 15.67 -13.50 1.70
N SER C 71 16.93 -13.65 1.30
CA SER C 71 17.54 -14.97 1.09
C SER C 71 17.71 -15.82 2.35
N GLN C 72 17.50 -15.22 3.52
CA GLN C 72 17.63 -15.91 4.81
C GLN C 72 16.28 -16.22 5.47
N LEU C 73 15.21 -15.76 4.83
CA LEU C 73 13.90 -15.75 5.40
C LEU C 73 13.31 -17.17 5.57
N LEU C 74 13.53 -18.06 4.60
CA LEU C 74 12.95 -19.42 4.69
C LEU C 74 13.61 -20.30 5.78
N LYS C 75 14.85 -19.99 6.16
CA LYS C 75 15.45 -20.66 7.33
C LYS C 75 15.03 -20.00 8.67
N GLY C 76 14.11 -19.04 8.61
CA GLY C 76 13.55 -18.44 9.82
C GLY C 76 14.19 -17.13 10.25
N ASP C 77 15.21 -16.69 9.53
CA ASP C 77 15.93 -15.45 9.88
C ASP C 77 15.22 -14.23 9.26
N ALA C 78 14.55 -13.44 10.11
CA ALA C 78 13.90 -12.20 9.70
C ALA C 78 14.60 -11.00 10.35
N SER C 79 15.90 -11.13 10.61
CA SER C 79 16.68 -10.08 11.28
C SER C 79 16.70 -8.77 10.51
N LEU C 80 16.52 -7.67 11.26
CA LEU C 80 16.48 -6.35 10.69
C LEU C 80 17.88 -5.73 10.71
N LYS C 81 18.26 -5.09 9.61
CA LYS C 81 19.52 -4.39 9.51
C LYS C 81 19.30 -2.92 9.16
N MET C 82 19.99 -2.02 9.84
CA MET C 82 19.94 -0.62 9.46
C MET C 82 21.29 0.05 9.71
N ASP C 83 21.48 1.19 9.07
CA ASP C 83 22.66 2.03 9.35
C ASP C 83 22.54 2.57 10.78
N LYS C 84 23.66 2.78 11.45
CA LYS C 84 23.59 3.23 12.84
C LYS C 84 22.92 4.58 12.98
N SER C 85 22.94 5.41 11.93
CA SER C 85 22.31 6.72 12.01
C SER C 85 20.79 6.62 12.17
N ASP C 86 20.21 5.54 11.65
CA ASP C 86 18.78 5.26 11.85
C ASP C 86 18.51 4.55 13.18
N ALA C 87 19.54 3.97 13.78
CA ALA C 87 19.41 3.30 15.07
C ALA C 87 19.58 4.27 16.26
N VAL C 88 20.49 5.23 16.12
CA VAL C 88 20.90 6.10 17.23
C VAL C 88 19.74 6.77 18.01
N SER C 89 18.76 7.32 17.31
CA SER C 89 17.67 8.03 17.96
C SER C 89 16.39 7.17 18.06
N HIS C 90 16.57 5.86 17.84
CA HIS C 90 15.49 4.90 17.88
C HIS C 90 15.92 3.70 18.71
N THR C 91 16.16 3.96 20.00
CA THR C 91 16.46 2.88 20.94
C THR C 91 15.20 2.54 21.71
N GLY C 92 15.12 1.31 22.17
CA GLY C 92 13.95 0.80 22.84
C GLY C 92 13.51 -0.51 22.21
N ASN C 93 12.25 -0.86 22.45
CA ASN C 93 11.73 -2.15 22.04
C ASN C 93 11.24 -2.21 20.57
N TYR C 94 11.81 -3.15 19.85
CA TYR C 94 11.36 -3.49 18.49
C TYR C 94 10.56 -4.78 18.53
N THR C 95 9.57 -4.86 17.65
CA THR C 95 8.74 -6.07 17.50
C THR C 95 9.00 -6.59 16.11
N CYS C 96 9.32 -7.88 16.04
CA CYS C 96 9.42 -8.59 14.79
C CYS C 96 8.21 -9.50 14.66
N GLU C 97 7.47 -9.31 13.56
CA GLU C 97 6.25 -10.05 13.31
C GLU C 97 6.37 -10.80 11.99
N VAL C 98 6.22 -12.13 12.05
CA VAL C 98 6.25 -12.96 10.85
C VAL C 98 4.90 -13.64 10.64
N THR C 99 4.48 -13.69 9.37
CA THR C 99 3.24 -14.33 8.99
C THR C 99 3.55 -15.26 7.83
N GLU C 100 3.02 -16.48 7.92
CA GLU C 100 2.97 -17.40 6.78
C GLU C 100 1.54 -17.46 6.28
N LEU C 101 1.35 -17.14 5.00
CA LEU C 101 0.03 -16.98 4.39
C LEU C 101 -0.64 -18.30 4.11
N THR C 102 -1.95 -18.20 3.95
CA THR C 102 -2.81 -19.31 3.59
C THR C 102 -2.32 -19.98 2.32
N ARG C 103 -2.45 -21.31 2.29
CA ARG C 103 -2.33 -22.10 1.07
C ARG C 103 -3.57 -22.97 0.91
N GLU C 104 -4.01 -23.20 -0.31
CA GLU C 104 -5.16 -24.06 -0.50
C GLU C 104 -5.19 -24.70 -1.88
N GLY C 105 -6.10 -25.63 -2.04
CA GLY C 105 -6.24 -26.37 -3.29
C GLY C 105 -7.43 -27.29 -3.18
N GLU C 106 -7.84 -27.86 -4.29
CA GLU C 106 -8.96 -28.79 -4.28
C GLU C 106 -8.80 -29.80 -5.39
N THR C 107 -9.48 -30.93 -5.27
CA THR C 107 -9.36 -32.00 -6.26
C THR C 107 -10.71 -32.71 -6.36
N ILE C 108 -10.99 -33.33 -7.51
CA ILE C 108 -12.28 -33.96 -7.74
C ILE C 108 -12.15 -35.49 -7.87
N ILE C 109 -13.09 -36.20 -7.28
CA ILE C 109 -13.18 -37.64 -7.53
C ILE C 109 -14.62 -38.08 -7.59
N GLU C 110 -14.93 -38.87 -8.62
CA GLU C 110 -16.24 -39.45 -8.79
C GLU C 110 -16.36 -40.72 -7.97
N LEU C 111 -17.38 -40.78 -7.15
CA LEU C 111 -17.76 -42.03 -6.48
C LEU C 111 -18.74 -42.77 -7.39
N LYS C 112 -18.37 -44.00 -7.78
CA LYS C 112 -19.14 -44.82 -8.72
C LYS C 112 -19.59 -46.12 -8.05
N TYR C 113 -20.83 -46.53 -8.32
CA TYR C 113 -21.40 -47.78 -7.82
C TYR C 113 -21.38 -48.87 -8.88
N ARG C 114 -20.79 -50.02 -8.55
CA ARG C 114 -20.67 -51.15 -9.47
C ARG C 114 -21.65 -52.26 -9.05
N VAL C 115 -22.43 -52.77 -10.00
CA VAL C 115 -23.40 -53.82 -9.72
C VAL C 115 -22.84 -55.21 -10.04
N LEU D 2 -1.71 -25.80 -2.99
CA LEU D 2 -1.69 -27.22 -2.60
C LEU D 2 -1.90 -28.11 -3.82
N LEU D 3 -1.19 -29.25 -3.85
CA LEU D 3 -1.25 -30.20 -4.96
C LEU D 3 -1.67 -31.56 -4.43
N PHE D 4 -2.40 -32.31 -5.25
CA PHE D 4 -3.05 -33.55 -4.83
C PHE D 4 -2.60 -34.75 -5.66
N ASN D 5 -2.62 -35.93 -5.02
CA ASN D 5 -2.37 -37.20 -5.71
C ASN D 5 -3.69 -37.66 -6.32
N LYS D 6 -3.91 -37.30 -7.58
CA LYS D 6 -5.26 -37.36 -8.16
C LYS D 6 -5.80 -38.77 -8.42
N THR D 7 -7.09 -38.92 -8.15
CA THR D 7 -7.84 -40.11 -8.54
C THR D 7 -9.08 -39.62 -9.26
N LYS D 8 -9.30 -40.11 -10.49
CA LYS D 8 -10.49 -39.71 -11.25
C LYS D 8 -11.75 -40.27 -10.60
N SER D 9 -11.70 -41.54 -10.25
CA SER D 9 -12.84 -42.18 -9.63
C SER D 9 -12.45 -43.33 -8.72
N VAL D 10 -13.32 -43.60 -7.75
CA VAL D 10 -13.27 -44.83 -6.95
C VAL D 10 -14.60 -45.57 -7.09
N GLU D 11 -14.55 -46.88 -6.90
CA GLU D 11 -15.70 -47.73 -7.13
C GLU D 11 -16.05 -48.54 -5.89
N PHE D 12 -17.34 -48.80 -5.70
CA PHE D 12 -17.81 -49.70 -4.65
C PHE D 12 -19.03 -50.50 -5.10
N THR D 13 -19.30 -51.57 -4.37
CA THR D 13 -20.35 -52.51 -4.69
C THR D 13 -21.18 -52.79 -3.43
N PHE D 14 -22.14 -53.71 -3.54
CA PHE D 14 -22.93 -54.11 -2.38
C PHE D 14 -22.06 -54.62 -1.22
N GLY D 15 -20.94 -55.27 -1.56
CA GLY D 15 -20.02 -55.85 -0.56
C GLY D 15 -19.36 -54.85 0.38
N ASN D 16 -19.29 -53.58 -0.04
CA ASN D 16 -18.77 -52.52 0.83
C ASN D 16 -19.78 -52.15 1.91
N ASP D 17 -19.40 -52.31 3.17
CA ASP D 17 -20.20 -51.84 4.30
C ASP D 17 -19.90 -50.36 4.58
N THR D 18 -18.69 -49.94 4.23
CA THR D 18 -18.32 -48.53 4.26
C THR D 18 -17.49 -48.22 3.02
N VAL D 19 -17.41 -46.94 2.68
CA VAL D 19 -16.63 -46.50 1.53
C VAL D 19 -15.66 -45.39 1.92
N VAL D 20 -14.55 -45.32 1.18
CA VAL D 20 -13.58 -44.23 1.34
C VAL D 20 -13.48 -43.47 0.01
N ILE D 21 -13.51 -42.14 0.09
CA ILE D 21 -13.21 -41.26 -1.05
C ILE D 21 -11.86 -40.62 -0.80
N PRO D 22 -10.83 -41.03 -1.58
CA PRO D 22 -9.47 -40.62 -1.27
C PRO D 22 -9.21 -39.14 -1.54
N CYS D 23 -8.43 -38.53 -0.66
CA CYS D 23 -8.00 -37.15 -0.86
C CYS D 23 -6.64 -36.94 -0.19
N PHE D 24 -5.61 -36.82 -1.02
CA PHE D 24 -4.22 -36.80 -0.57
C PHE D 24 -3.49 -35.58 -1.13
N VAL D 25 -3.11 -34.68 -0.23
CA VAL D 25 -2.31 -33.52 -0.60
C VAL D 25 -0.83 -33.93 -0.57
N THR D 26 -0.14 -33.72 -1.68
CA THR D 26 1.26 -34.14 -1.82
C THR D 26 2.32 -33.11 -1.39
N ASN D 27 1.93 -31.87 -1.13
CA ASN D 27 2.87 -30.85 -0.64
C ASN D 27 2.40 -30.19 0.65
N MET D 28 1.87 -31.01 1.55
CA MET D 28 1.39 -30.55 2.86
C MET D 28 2.53 -30.01 3.71
N GLU D 29 2.26 -28.97 4.49
CA GLU D 29 3.26 -28.36 5.35
C GLU D 29 2.86 -28.37 6.83
N ALA D 30 1.56 -28.30 7.09
CA ALA D 30 1.03 -28.11 8.45
C ALA D 30 1.44 -29.21 9.42
N GLN D 31 1.97 -28.78 10.57
CA GLN D 31 2.42 -29.67 11.63
C GLN D 31 1.43 -29.72 12.82
N ASN D 32 0.29 -29.06 12.68
CA ASN D 32 -0.76 -29.08 13.71
C ASN D 32 -2.13 -28.93 13.06
N THR D 33 -3.09 -29.77 13.43
CA THR D 33 -4.38 -29.79 12.70
C THR D 33 -5.28 -28.59 13.01
N THR D 34 -4.89 -27.81 14.01
CA THR D 34 -5.48 -26.49 14.26
C THR D 34 -5.37 -25.53 13.07
N GLU D 35 -4.38 -25.76 12.21
CA GLU D 35 -4.13 -24.91 11.05
C GLU D 35 -4.60 -25.52 9.74
N VAL D 36 -5.43 -26.56 9.83
CA VAL D 36 -5.99 -27.19 8.65
C VAL D 36 -7.50 -26.98 8.63
N TYR D 37 -8.04 -26.86 7.43
CA TYR D 37 -9.47 -26.72 7.18
C TYR D 37 -9.80 -27.62 6.00
N VAL D 38 -10.66 -28.61 6.21
CA VAL D 38 -11.16 -29.46 5.12
C VAL D 38 -12.61 -29.09 4.78
N LYS D 39 -12.94 -29.24 3.49
CA LYS D 39 -14.29 -28.98 3.01
C LYS D 39 -14.55 -29.94 1.86
N TRP D 40 -15.56 -30.81 2.05
CA TRP D 40 -16.00 -31.71 0.99
C TRP D 40 -17.32 -31.23 0.41
N LYS D 41 -17.40 -31.20 -0.92
CA LYS D 41 -18.59 -30.73 -1.62
C LYS D 41 -19.19 -31.84 -2.48
N PHE D 42 -20.51 -31.78 -2.63
CA PHE D 42 -21.26 -32.71 -3.46
C PHE D 42 -22.47 -31.97 -4.00
N LYS D 43 -22.53 -31.82 -5.32
CA LYS D 43 -23.62 -31.12 -5.98
C LYS D 43 -23.90 -29.75 -5.35
N GLY D 44 -22.84 -28.94 -5.27
CA GLY D 44 -22.93 -27.57 -4.78
C GLY D 44 -22.83 -27.39 -3.27
N ARG D 45 -23.18 -28.42 -2.51
CA ARG D 45 -23.34 -28.30 -1.06
C ARG D 45 -22.15 -28.81 -0.30
N ASP D 46 -21.93 -28.20 0.87
CA ASP D 46 -20.91 -28.64 1.82
C ASP D 46 -21.45 -29.84 2.60
N ILE D 47 -20.91 -31.02 2.30
CA ILE D 47 -21.38 -32.27 2.93
C ILE D 47 -20.44 -32.76 4.04
N TYR D 48 -19.24 -32.18 4.14
CA TYR D 48 -18.41 -32.33 5.33
C TYR D 48 -17.39 -31.20 5.45
N THR D 49 -17.35 -30.56 6.63
CA THR D 49 -16.34 -29.55 6.94
C THR D 49 -15.62 -29.86 8.26
N PHE D 50 -14.30 -29.70 8.27
CA PHE D 50 -13.52 -29.67 9.51
C PHE D 50 -12.82 -28.31 9.63
N ASP D 51 -13.16 -27.57 10.68
CA ASP D 51 -12.53 -26.28 10.96
C ASP D 51 -11.46 -26.52 12.04
N GLY D 52 -10.20 -26.36 11.66
CA GLY D 52 -9.09 -26.49 12.61
C GLY D 52 -9.11 -25.41 13.68
N ALA D 53 -9.41 -24.17 13.27
CA ALA D 53 -9.49 -23.03 14.16
C ALA D 53 -10.53 -23.25 15.27
N LEU D 54 -11.70 -23.76 14.88
CA LEU D 54 -12.76 -24.07 15.84
C LEU D 54 -12.80 -25.56 16.22
N ASN D 55 -11.78 -26.33 15.85
CA ASN D 55 -11.74 -27.78 16.16
C ASN D 55 -13.13 -28.40 16.01
N LYS D 56 -13.75 -28.09 14.87
CA LYS D 56 -15.17 -28.33 14.64
C LYS D 56 -15.41 -29.06 13.32
N SER D 57 -16.00 -30.25 13.40
CA SER D 57 -16.48 -30.96 12.23
C SER D 57 -17.98 -30.75 12.08
N THR D 58 -18.48 -30.85 10.86
CA THR D 58 -19.89 -30.58 10.57
C THR D 58 -20.38 -31.44 9.41
N VAL D 59 -21.63 -31.92 9.51
CA VAL D 59 -22.27 -32.68 8.45
C VAL D 59 -23.74 -32.33 8.34
N PRO D 60 -24.30 -32.40 7.11
CA PRO D 60 -25.74 -32.27 6.94
C PRO D 60 -26.42 -33.60 7.21
N THR D 61 -27.68 -33.56 7.63
CA THR D 61 -28.40 -34.76 8.04
C THR D 61 -28.32 -35.90 7.01
N ASP D 62 -28.39 -35.57 5.72
CA ASP D 62 -28.35 -36.59 4.67
C ASP D 62 -27.01 -37.34 4.64
N PHE D 63 -25.94 -36.68 5.11
CA PHE D 63 -24.61 -37.29 5.24
C PHE D 63 -24.24 -37.46 6.72
N SER D 64 -24.93 -38.35 7.41
CA SER D 64 -24.77 -38.50 8.86
C SER D 64 -23.46 -39.18 9.27
N SER D 65 -23.03 -40.18 8.48
CA SER D 65 -21.82 -40.94 8.82
C SER D 65 -20.53 -40.31 8.29
N ALA D 66 -20.63 -39.14 7.63
CA ALA D 66 -19.48 -38.47 7.02
C ALA D 66 -18.44 -38.02 8.03
N LYS D 67 -17.19 -38.42 7.79
CA LYS D 67 -16.09 -38.04 8.67
C LYS D 67 -14.74 -38.20 8.00
N ILE D 68 -13.73 -37.51 8.52
CA ILE D 68 -12.35 -37.80 8.20
C ILE D 68 -11.66 -38.21 9.50
N GLU D 69 -10.49 -38.84 9.36
CA GLU D 69 -9.61 -39.06 10.50
C GLU D 69 -8.68 -37.83 10.60
N VAL D 70 -9.04 -36.90 11.51
CA VAL D 70 -8.43 -35.56 11.59
C VAL D 70 -6.90 -35.57 11.75
N SER D 71 -6.39 -36.57 12.46
CA SER D 71 -4.96 -36.68 12.73
C SER D 71 -4.15 -36.86 11.43
N GLN D 72 -4.75 -37.58 10.50
CA GLN D 72 -4.09 -37.97 9.25
C GLN D 72 -3.94 -36.79 8.28
N LEU D 73 -4.55 -35.65 8.61
CA LEU D 73 -4.36 -34.43 7.84
C LEU D 73 -2.89 -34.06 7.77
N LEU D 74 -2.14 -34.35 8.83
CA LEU D 74 -0.71 -34.01 8.88
C LEU D 74 0.11 -34.75 7.82
N LYS D 75 -0.41 -35.88 7.33
CA LYS D 75 0.18 -36.58 6.18
C LYS D 75 -0.39 -36.13 4.84
N GLY D 76 -1.32 -35.16 4.86
CA GLY D 76 -2.00 -34.68 3.65
C GLY D 76 -3.20 -35.54 3.29
N ASP D 77 -3.59 -36.44 4.20
CA ASP D 77 -4.74 -37.30 4.04
C ASP D 77 -6.01 -36.63 4.58
N ALA D 78 -6.86 -36.17 3.66
CA ALA D 78 -8.18 -35.60 3.97
C ALA D 78 -9.33 -36.52 3.52
N SER D 79 -9.06 -37.82 3.35
CA SER D 79 -10.04 -38.77 2.79
C SER D 79 -11.36 -38.83 3.58
N LEU D 80 -12.46 -38.88 2.84
CA LEU D 80 -13.80 -38.90 3.44
C LEU D 80 -14.28 -40.34 3.62
N LYS D 81 -14.79 -40.65 4.82
CA LYS D 81 -15.35 -41.96 5.14
C LYS D 81 -16.85 -41.85 5.42
N MET D 82 -17.62 -42.78 4.89
CA MET D 82 -19.06 -42.83 5.15
C MET D 82 -19.57 -44.26 5.01
N ASP D 83 -20.72 -44.52 5.65
CA ASP D 83 -21.40 -45.82 5.53
C ASP D 83 -21.97 -46.01 4.12
N LYS D 84 -22.19 -47.26 3.76
CA LYS D 84 -22.78 -47.59 2.46
C LYS D 84 -24.10 -46.86 2.24
N SER D 85 -24.84 -46.63 3.31
CA SER D 85 -26.18 -46.03 3.25
C SER D 85 -26.13 -44.61 2.67
N ASP D 86 -25.21 -43.81 3.19
CA ASP D 86 -24.94 -42.46 2.69
C ASP D 86 -24.27 -42.52 1.32
N ALA D 87 -23.44 -43.54 1.10
CA ALA D 87 -22.79 -43.76 -0.19
C ALA D 87 -23.83 -43.91 -1.32
N VAL D 88 -24.61 -44.99 -1.29
CA VAL D 88 -25.54 -45.31 -2.41
C VAL D 88 -26.45 -44.13 -2.81
N SER D 89 -26.90 -43.38 -1.81
CA SER D 89 -27.77 -42.23 -2.03
C SER D 89 -27.03 -41.00 -2.58
N HIS D 90 -25.70 -41.08 -2.69
CA HIS D 90 -24.89 -39.93 -3.10
C HIS D 90 -23.71 -40.26 -4.03
N THR D 91 -23.96 -41.02 -5.10
CA THR D 91 -22.91 -41.29 -6.08
C THR D 91 -22.67 -40.07 -6.96
N GLY D 92 -21.47 -40.00 -7.53
CA GLY D 92 -21.12 -38.90 -8.42
C GLY D 92 -19.93 -38.10 -7.91
N ASN D 93 -19.83 -36.85 -8.37
CA ASN D 93 -18.62 -36.06 -8.24
C ASN D 93 -18.44 -35.37 -6.87
N TYR D 94 -17.37 -35.72 -6.18
CA TYR D 94 -17.00 -35.08 -4.92
C TYR D 94 -15.80 -34.15 -5.12
N THR D 95 -15.85 -33.00 -4.47
CA THR D 95 -14.70 -32.10 -4.37
C THR D 95 -14.18 -32.07 -2.93
N CYS D 96 -12.90 -32.36 -2.79
CA CYS D 96 -12.18 -32.19 -1.53
C CYS D 96 -11.31 -30.94 -1.61
N GLU D 97 -11.54 -30.01 -0.70
CA GLU D 97 -10.79 -28.76 -0.60
C GLU D 97 -10.06 -28.76 0.72
N VAL D 98 -8.73 -28.59 0.67
CA VAL D 98 -7.89 -28.47 1.87
C VAL D 98 -7.25 -27.07 1.90
N THR D 99 -7.31 -26.44 3.08
CA THR D 99 -6.66 -25.17 3.31
C THR D 99 -5.69 -25.29 4.50
N GLU D 100 -4.50 -24.70 4.34
CA GLU D 100 -3.61 -24.52 5.46
C GLU D 100 -3.70 -23.08 5.86
N LEU D 101 -4.17 -22.87 7.08
CA LEU D 101 -4.55 -21.55 7.54
C LEU D 101 -3.30 -20.74 7.78
N THR D 102 -3.45 -19.43 7.71
CA THR D 102 -2.40 -18.50 8.09
C THR D 102 -1.87 -18.80 9.50
N ARG D 103 -0.56 -18.62 9.68
CA ARG D 103 0.09 -18.68 11.00
C ARG D 103 0.83 -17.36 11.24
N GLU D 104 0.90 -16.91 12.49
CA GLU D 104 1.73 -15.74 12.82
C GLU D 104 2.42 -15.94 14.17
N GLY D 105 3.37 -15.06 14.45
CA GLY D 105 3.95 -14.95 15.77
C GLY D 105 4.74 -13.65 15.77
N GLU D 106 5.11 -13.21 16.96
CA GLU D 106 5.96 -12.03 17.08
C GLU D 106 6.86 -12.15 18.29
N THR D 107 7.94 -11.39 18.28
CA THR D 107 8.89 -11.36 19.38
C THR D 107 9.43 -9.94 19.50
N ILE D 108 9.95 -9.62 20.68
CA ILE D 108 10.41 -8.28 21.00
C ILE D 108 11.87 -8.33 21.39
N ILE D 109 12.64 -7.39 20.82
CA ILE D 109 14.05 -7.24 21.13
C ILE D 109 14.24 -5.79 21.47
N GLU D 110 14.91 -5.54 22.59
CA GLU D 110 15.29 -4.19 22.95
C GLU D 110 16.64 -3.87 22.34
N LEU D 111 16.70 -2.74 21.65
CA LEU D 111 17.93 -2.20 21.13
C LEU D 111 18.43 -1.22 22.18
N LYS D 112 19.65 -1.46 22.66
CA LYS D 112 20.26 -0.58 23.64
C LYS D 112 21.53 0.00 23.03
N TYR D 113 21.76 1.27 23.33
CA TYR D 113 22.99 1.98 22.98
C TYR D 113 23.91 2.17 24.20
N ARG D 114 25.20 1.90 24.02
CA ARG D 114 26.17 2.16 25.10
C ARG D 114 27.18 3.20 24.66
N VAL D 115 27.39 4.22 25.47
CA VAL D 115 28.45 5.21 25.22
C VAL D 115 29.79 4.60 25.66
N VAL D 116 30.69 4.36 24.72
CA VAL D 116 31.98 3.70 25.02
C VAL D 116 32.97 4.63 25.72
#